data_6BAE
#
_entry.id   6BAE
#
_cell.length_a   53.310
_cell.length_b   104.940
_cell.length_c   117.630
_cell.angle_alpha   90.00
_cell.angle_beta   90.00
_cell.angle_gamma   90.00
#
_symmetry.space_group_name_H-M   'P 21 21 21'
#
loop_
_entity.id
_entity.type
_entity.pdbx_description
1 polymer 'Trastuzumab Fab light chain'
2 polymer 'Trastuzumab Fab heavy chain'
3 polymer 'Protein L'
4 polymer 'Immunoglobulin G binding protein A'
5 polymer meditope
6 water water
#
loop_
_entity_poly.entity_id
_entity_poly.type
_entity_poly.pdbx_seq_one_letter_code
_entity_poly.pdbx_strand_id
1 'polypeptide(L)'
;DIQMTQSPILLSASVGDRVTITCRASQDVNTAVAWYQQRTNGSPRLLIYSASFLYSGVPSRFSGSRSGTDFTLTISSLQP
EDEADYYCQQHYTTPPTFGAGTKVEIKRTVAAPSVFIFPPSDEQLKSGTASVVCLLNNFYPREAKVQWKVDNALQSGNSQ
ESVTEQDSKDSTYSLSSTLTLSKADYEKHKVYACEVTHQGLSSPVTKSFNRGEC
;
A
2 'polypeptide(L)'
;EVQLVESGGGLVQPGGSLRLSCAASGFNIKDTYIHWVRQSPGKGLEWVARIYPTNGYTRYADSVKGRFTISADTSKNTAY
LQMNSLRAEDTAIYYCSRWGGDGFYAMDYWGQGTLVTVSSASTKGPSVFPLAPSSKSTSGGTAALGCLVKDYFPEPVTVS
WNSGALTSGVHTFPCVLQSSGLYSLSSVVTVPSSSLGTQTYICNVNHKPSNTKVDKKVEPKSC
;
B
3 'polypeptide(L)' GSEVTIKVNLIFADGKIQTAEFKGTFEEATAEAYRYAALLAKVNGEYTADLEDGGNHMNIKFAG E
4 'polypeptide(L)' GSYNKDQQSAFYEILNMPNLNEAQRNGFIQSLKDDPSQSTNVLGEAKKLNESQA C
5 'polypeptide(L)' (ACE)CQFDLSTRRLKC(NH2) D
#
loop_
_chem_comp.id
_chem_comp.type
_chem_comp.name
_chem_comp.formula
ACE non-polymer 'ACETYL GROUP' 'C2 H4 O'
NH2 non-polymer 'AMINO GROUP' 'H2 N'
#
# COMPACT_ATOMS: atom_id res chain seq x y z
N ASP A 1 -24.32 -4.04 10.38
CA ASP A 1 -23.00 -3.43 10.50
C ASP A 1 -23.08 -1.90 10.39
N ILE A 2 -22.02 -1.22 10.80
CA ILE A 2 -21.93 0.24 10.76
C ILE A 2 -20.91 0.61 9.69
N GLN A 3 -21.27 1.55 8.82
CA GLN A 3 -20.29 1.98 7.84
C GLN A 3 -19.77 3.38 8.20
N MET A 4 -18.53 3.62 7.79
CA MET A 4 -17.86 4.88 8.04
C MET A 4 -17.57 5.48 6.68
N THR A 5 -18.16 6.64 6.41
CA THR A 5 -18.01 7.33 5.13
C THR A 5 -17.05 8.50 5.32
N GLN A 6 -15.88 8.41 4.71
CA GLN A 6 -14.85 9.45 4.80
C GLN A 6 -14.88 10.38 3.60
N SER A 7 -14.73 11.68 3.85
CA SER A 7 -14.59 12.62 2.76
C SER A 7 -13.65 13.73 3.19
N PRO A 8 -12.99 14.42 2.24
CA PRO A 8 -12.90 14.07 0.81
C PRO A 8 -12.09 12.78 0.64
N ILE A 9 -12.06 12.19 -0.56
CA ILE A 9 -11.18 11.05 -0.77
C ILE A 9 -9.74 11.50 -0.99
N LEU A 10 -9.53 12.76 -1.33
CA LEU A 10 -8.21 13.27 -1.65
C LEU A 10 -8.20 14.75 -1.30
N LEU A 11 -7.16 15.20 -0.62
CA LEU A 11 -7.03 16.60 -0.23
C LEU A 11 -5.56 16.97 -0.38
N SER A 12 -5.33 18.13 -0.97
CA SER A 12 -3.99 18.59 -1.32
C SER A 12 -3.84 20.02 -0.84
N ALA A 13 -2.87 20.26 0.03
CA ALA A 13 -2.72 21.58 0.63
C ALA A 13 -1.24 21.90 0.81
N SER A 14 -0.96 23.18 1.04
CA SER A 14 0.41 23.63 1.22
C SER A 14 0.88 23.42 2.65
N VAL A 15 2.21 23.30 2.80
CA VAL A 15 2.86 23.27 4.10
C VAL A 15 2.38 24.45 4.92
N GLY A 16 1.97 24.18 6.15
CA GLY A 16 1.51 25.21 7.04
C GLY A 16 0.00 25.41 7.06
N ASP A 17 -0.73 24.90 6.06
CA ASP A 17 -2.17 25.06 6.05
C ASP A 17 -2.84 24.24 7.15
N ARG A 18 -4.11 24.57 7.40
CA ARG A 18 -5.00 23.81 8.26
C ARG A 18 -5.87 22.92 7.37
N VAL A 19 -5.75 21.61 7.52
CA VAL A 19 -6.56 20.69 6.71
C VAL A 19 -7.53 19.95 7.62
N THR A 20 -8.72 19.70 7.08
CA THR A 20 -9.83 19.09 7.81
C THR A 20 -10.38 17.96 6.97
N ILE A 21 -10.41 16.75 7.55
CA ILE A 21 -11.02 15.61 6.88
C ILE A 21 -12.11 15.05 7.80
N THR A 22 -13.08 14.39 7.20
CA THR A 22 -14.31 14.07 7.93
C THR A 22 -14.66 12.61 7.76
N CYS A 23 -15.47 12.13 8.70
CA CYS A 23 -15.91 10.75 8.71
C CYS A 23 -17.31 10.71 9.33
N ARG A 24 -18.22 9.99 8.69
CA ARG A 24 -19.61 9.92 9.11
C ARG A 24 -19.99 8.47 9.36
N ALA A 25 -20.45 8.17 10.56
CA ALA A 25 -20.96 6.86 10.89
C ALA A 25 -22.41 6.73 10.44
N SER A 26 -22.81 5.52 10.04
CA SER A 26 -24.15 5.32 9.53
C SER A 26 -25.19 5.23 10.64
N GLN A 27 -24.77 5.07 11.88
CA GLN A 27 -25.65 5.17 13.02
C GLN A 27 -24.79 5.56 14.22
N ASP A 28 -25.44 5.77 15.36
CA ASP A 28 -24.75 6.31 16.52
C ASP A 28 -23.59 5.41 16.93
N VAL A 29 -22.40 5.98 17.12
CA VAL A 29 -21.28 5.21 17.65
C VAL A 29 -20.72 5.84 18.92
N ASN A 30 -21.47 6.76 19.53
CA ASN A 30 -21.02 7.47 20.73
C ASN A 30 -19.73 8.19 20.31
N THR A 31 -18.64 8.06 21.07
CA THR A 31 -17.35 8.60 20.71
C THR A 31 -16.34 7.52 20.35
N ALA A 32 -16.80 6.30 20.09
CA ALA A 32 -15.89 5.18 19.91
C ALA A 32 -15.31 5.17 18.49
N VAL A 33 -14.59 6.23 18.17
CA VAL A 33 -13.98 6.43 16.86
C VAL A 33 -12.49 6.76 17.04
N ALA A 34 -11.64 6.15 16.22
CA ALA A 34 -10.22 6.42 16.22
C ALA A 34 -9.77 6.81 14.83
N TRP A 35 -8.62 7.48 14.77
CA TRP A 35 -8.05 7.94 13.52
C TRP A 35 -6.63 7.43 13.40
N TYR A 36 -6.30 6.87 12.24
CA TYR A 36 -5.00 6.27 12.00
C TYR A 36 -4.34 6.94 10.81
N GLN A 37 -3.01 7.00 10.86
CA GLN A 37 -2.21 7.46 9.73
C GLN A 37 -1.50 6.28 9.09
N GLN A 38 -1.33 6.32 7.77
CA GLN A 38 -0.54 5.31 7.06
C GLN A 38 0.38 5.98 6.05
N ARG A 39 1.68 5.91 6.34
CA ARG A 39 2.71 6.42 5.45
CA ARG A 39 2.71 6.42 5.45
C ARG A 39 3.14 5.34 4.46
N THR A 40 3.83 5.75 3.41
CA THR A 40 4.25 4.82 2.39
C THR A 40 5.06 3.68 2.99
N ASN A 41 4.75 2.46 2.58
CA ASN A 41 5.38 1.21 3.04
C ASN A 41 5.15 0.93 4.53
N GLY A 42 4.23 1.64 5.19
CA GLY A 42 4.07 1.54 6.61
C GLY A 42 2.81 0.80 7.05
N SER A 43 2.70 0.64 8.33
CA SER A 43 1.54 0.12 9.04
C SER A 43 0.71 1.26 9.62
N PRO A 44 -0.59 1.08 9.80
CA PRO A 44 -1.41 2.13 10.40
C PRO A 44 -0.92 2.49 11.80
N ARG A 45 -0.89 3.80 12.07
CA ARG A 45 -0.40 4.39 13.32
C ARG A 45 -1.53 5.16 13.97
N LEU A 46 -1.77 4.91 15.25
CA LEU A 46 -2.86 5.56 15.96
C LEU A 46 -2.54 7.04 16.20
N LEU A 47 -3.50 7.91 15.89
CA LEU A 47 -3.37 9.35 16.11
C LEU A 47 -4.33 9.85 17.18
N ILE A 48 -5.62 9.60 16.99
CA ILE A 48 -6.68 10.06 17.89
C ILE A 48 -7.50 8.83 18.27
N TYR A 49 -7.89 8.74 19.54
CA TYR A 49 -8.80 7.70 20.01
C TYR A 49 -9.95 8.35 20.76
N SER A 50 -11.06 7.62 20.86
CA SER A 50 -12.30 8.11 21.49
C SER A 50 -12.69 9.49 20.98
N ALA A 51 -12.58 9.66 19.65
CA ALA A 51 -12.98 10.86 18.90
C ALA A 51 -12.06 12.06 19.07
N SER A 52 -11.58 12.33 20.28
CA SER A 52 -10.93 13.61 20.48
C SER A 52 -9.62 13.57 21.27
N PHE A 53 -9.14 12.41 21.69
CA PHE A 53 -8.01 12.37 22.59
C PHE A 53 -6.74 11.99 21.85
N LEU A 54 -5.69 12.77 22.07
CA LEU A 54 -4.42 12.65 21.35
C LEU A 54 -3.63 11.46 21.89
N TYR A 55 -3.21 10.57 21.00
CA TYR A 55 -2.42 9.45 21.46
C TYR A 55 -1.03 9.94 21.86
N SER A 56 -0.45 9.24 22.84
CA SER A 56 0.86 9.62 23.35
C SER A 56 1.91 9.63 22.24
N GLY A 57 2.65 10.74 22.16
CA GLY A 57 3.68 10.92 21.17
C GLY A 57 3.22 11.52 19.85
N VAL A 58 1.94 11.85 19.70
CA VAL A 58 1.46 12.37 18.42
C VAL A 58 1.55 13.89 18.47
N PRO A 59 2.04 14.55 17.43
CA PRO A 59 2.16 16.02 17.45
C PRO A 59 0.82 16.67 17.75
N SER A 60 0.87 17.72 18.57
CA SER A 60 -0.36 18.39 18.97
C SER A 60 -1.03 19.15 17.83
N ARG A 61 -0.44 19.20 16.64
CA ARG A 61 -1.16 19.81 15.53
C ARG A 61 -2.30 18.93 15.02
N PHE A 62 -2.37 17.65 15.41
CA PHE A 62 -3.53 16.81 15.14
C PHE A 62 -4.59 17.02 16.21
N SER A 63 -5.86 17.01 15.80
CA SER A 63 -6.96 17.03 16.75
C SER A 63 -8.19 16.43 16.10
N GLY A 64 -9.10 15.95 16.94
CA GLY A 64 -10.34 15.38 16.47
C GLY A 64 -11.51 15.92 17.27
N SER A 65 -12.69 15.91 16.64
CA SER A 65 -13.92 16.27 17.33
C SER A 65 -15.08 15.44 16.78
N ARG A 66 -16.18 15.47 17.50
CA ARG A 66 -17.40 14.73 17.19
C ARG A 66 -18.57 15.67 17.18
N SER A 67 -19.51 15.44 16.28
CA SER A 67 -20.79 16.15 16.29
C SER A 67 -21.82 15.12 15.83
N GLY A 68 -22.56 14.55 16.77
CA GLY A 68 -23.49 13.48 16.46
C GLY A 68 -22.77 12.27 15.87
N THR A 69 -23.07 11.96 14.60
CA THR A 69 -22.41 10.87 13.88
C THR A 69 -21.33 11.37 12.94
N ASP A 70 -21.01 12.66 13.00
CA ASP A 70 -19.99 13.28 12.16
C ASP A 70 -18.73 13.51 12.98
N PHE A 71 -17.60 13.04 12.46
CA PHE A 71 -16.30 13.12 13.12
C PHE A 71 -15.34 13.83 12.19
N THR A 72 -14.47 14.67 12.77
CA THR A 72 -13.52 15.43 11.98
C THR A 72 -12.12 15.25 12.54
N LEU A 73 -11.15 15.10 11.65
CA LEU A 73 -9.74 15.15 11.99
C LEU A 73 -9.16 16.42 11.40
N THR A 74 -8.43 17.18 12.21
CA THR A 74 -7.85 18.45 11.81
C THR A 74 -6.35 18.42 12.02
N ILE A 75 -5.59 18.84 11.01
CA ILE A 75 -4.16 19.05 11.12
C ILE A 75 -3.93 20.55 11.01
N SER A 76 -3.52 21.17 12.12
CA SER A 76 -3.58 22.63 12.19
C SER A 76 -2.50 23.32 11.37
N SER A 77 -1.42 22.61 11.01
CA SER A 77 -0.30 23.24 10.31
C SER A 77 0.44 22.13 9.55
N LEU A 78 -0.06 21.82 8.35
CA LEU A 78 0.37 20.64 7.61
C LEU A 78 1.88 20.61 7.42
N GLN A 79 2.50 19.51 7.83
CA GLN A 79 3.92 19.33 7.64
C GLN A 79 4.19 18.37 6.49
N PRO A 80 5.35 18.50 5.84
CA PRO A 80 5.67 17.60 4.72
C PRO A 80 5.55 16.13 5.09
N GLU A 81 5.95 15.74 6.30
CA GLU A 81 5.86 14.36 6.72
C GLU A 81 4.43 13.92 7.01
N ASP A 82 3.45 14.81 6.94
CA ASP A 82 2.05 14.41 7.09
C ASP A 82 1.48 13.85 5.80
N GLU A 83 2.27 13.84 4.73
CA GLU A 83 1.87 13.28 3.45
C GLU A 83 1.61 11.80 3.65
N ALA A 84 0.34 11.37 3.63
CA ALA A 84 -0.04 10.04 4.08
C ALA A 84 -1.52 9.82 3.81
N ASP A 85 -1.98 8.60 4.12
CA ASP A 85 -3.38 8.28 4.13
C ASP A 85 -3.91 8.26 5.56
N TYR A 86 -5.17 8.66 5.73
CA TYR A 86 -5.80 8.79 7.05
C TYR A 86 -7.09 8.00 7.08
N TYR A 87 -7.27 7.20 8.14
CA TYR A 87 -8.42 6.32 8.22
C TYR A 87 -9.13 6.52 9.55
N CYS A 88 -10.47 6.51 9.53
CA CYS A 88 -11.26 6.46 10.75
C CYS A 88 -11.79 5.04 10.99
N GLN A 89 -12.11 4.75 12.25
CA GLN A 89 -12.52 3.42 12.67
C GLN A 89 -13.45 3.52 13.87
N GLN A 90 -14.63 2.89 13.76
CA GLN A 90 -15.53 2.78 14.89
C GLN A 90 -15.34 1.43 15.55
N HIS A 91 -15.42 1.40 16.89
CA HIS A 91 -15.33 0.17 17.65
C HIS A 91 -16.55 0.03 18.55
N TYR A 92 -17.66 0.65 18.15
CA TYR A 92 -18.86 0.65 18.98
C TYR A 92 -19.61 -0.66 18.91
N THR A 93 -19.59 -1.33 17.76
CA THR A 93 -20.25 -2.62 17.56
C THR A 93 -19.30 -3.53 16.79
N THR A 94 -19.46 -4.78 16.99
CA THR A 94 -18.71 -5.76 16.23
C THR A 94 -19.47 -6.10 14.95
N PRO A 95 -18.82 -6.11 13.78
CA PRO A 95 -17.39 -5.87 13.53
C PRO A 95 -16.98 -4.40 13.58
N PRO A 96 -15.82 -4.11 14.15
CA PRO A 96 -15.21 -2.79 13.97
C PRO A 96 -14.99 -2.55 12.49
N THR A 97 -15.25 -1.32 12.04
CA THR A 97 -15.20 -1.01 10.62
C THR A 97 -14.41 0.29 10.41
N PHE A 98 -13.76 0.36 9.26
CA PHE A 98 -12.90 1.46 8.87
C PHE A 98 -13.50 2.22 7.72
N GLY A 99 -13.17 3.51 7.65
CA GLY A 99 -13.49 4.30 6.49
C GLY A 99 -12.62 3.95 5.31
N ALA A 100 -13.02 4.43 4.13
CA ALA A 100 -12.27 4.15 2.91
C ALA A 100 -11.00 4.99 2.80
N GLY A 101 -10.75 5.91 3.71
CA GLY A 101 -9.48 6.61 3.71
C GLY A 101 -9.54 7.95 2.98
N THR A 102 -8.73 8.88 3.47
CA THR A 102 -8.48 10.14 2.76
C THR A 102 -7.00 10.24 2.48
N LYS A 103 -6.64 10.52 1.23
CA LYS A 103 -5.25 10.71 0.88
C LYS A 103 -4.93 12.20 0.93
N VAL A 104 -3.83 12.53 1.58
CA VAL A 104 -3.42 13.92 1.81
C VAL A 104 -2.08 14.13 1.14
N GLU A 105 -2.05 15.04 0.15
CA GLU A 105 -0.87 15.39 -0.61
C GLU A 105 -0.41 16.80 -0.30
N ILE A 106 0.88 17.07 -0.48
CA ILE A 106 1.47 18.37 -0.22
C ILE A 106 1.56 19.15 -1.53
N LYS A 107 1.05 20.38 -1.53
CA LYS A 107 1.29 21.30 -2.64
C LYS A 107 2.65 21.95 -2.47
N ARG A 108 3.29 22.27 -3.61
CA ARG A 108 4.55 22.99 -3.61
C ARG A 108 4.73 23.61 -5.00
N THR A 109 5.87 24.26 -5.22
CA THR A 109 6.08 24.94 -6.50
C THR A 109 6.36 23.94 -7.61
N VAL A 110 6.15 24.38 -8.86
CA VAL A 110 6.45 23.55 -10.01
C VAL A 110 7.94 23.28 -10.06
N ALA A 111 8.31 22.06 -10.48
CA ALA A 111 9.71 21.71 -10.69
C ALA A 111 9.80 20.77 -11.88
N ALA A 112 10.57 21.15 -12.89
CA ALA A 112 10.71 20.33 -14.07
C ALA A 112 11.59 19.12 -13.76
N PRO A 113 11.35 17.99 -14.42
CA PRO A 113 12.16 16.79 -14.16
C PRO A 113 13.54 16.84 -14.80
N SER A 114 14.49 16.20 -14.12
CA SER A 114 15.68 15.69 -14.80
C SER A 114 15.28 14.44 -15.59
N VAL A 115 15.67 14.36 -16.86
CA VAL A 115 15.28 13.25 -17.73
C VAL A 115 16.53 12.47 -18.16
N PHE A 116 16.57 11.19 -17.81
CA PHE A 116 17.72 10.32 -18.12
C PHE A 116 17.23 9.09 -18.85
N ILE A 117 18.12 8.45 -19.62
CA ILE A 117 17.76 7.25 -20.37
C ILE A 117 18.85 6.20 -20.21
N PHE A 118 18.42 4.93 -20.18
CA PHE A 118 19.32 3.80 -19.93
C PHE A 118 19.06 2.73 -20.99
N PRO A 119 20.04 2.43 -21.84
CA PRO A 119 19.90 1.30 -22.77
C PRO A 119 19.77 -0.01 -22.01
N PRO A 120 19.36 -1.10 -22.68
CA PRO A 120 19.48 -2.42 -22.04
C PRO A 120 20.91 -2.72 -21.64
N SER A 121 21.07 -3.41 -20.53
CA SER A 121 22.41 -3.82 -20.14
C SER A 121 22.89 -4.95 -21.06
N ASP A 122 24.21 -5.12 -21.12
CA ASP A 122 24.77 -6.24 -21.88
C ASP A 122 24.33 -7.57 -21.29
N GLU A 123 24.34 -7.68 -19.96
CA GLU A 123 23.85 -8.88 -19.29
C GLU A 123 22.47 -9.27 -19.78
N GLN A 124 21.52 -8.34 -19.75
CA GLN A 124 20.16 -8.68 -20.19
C GLN A 124 20.15 -9.08 -21.65
N LEU A 125 20.91 -8.37 -22.48
CA LEU A 125 20.89 -8.62 -23.90
C LEU A 125 21.39 -10.01 -24.25
N LYS A 126 22.15 -10.65 -23.35
CA LYS A 126 22.57 -12.02 -23.63
C LYS A 126 21.40 -13.00 -23.70
N SER A 127 20.22 -12.63 -23.20
CA SER A 127 19.16 -13.63 -23.05
C SER A 127 17.81 -13.14 -23.57
N GLY A 128 17.76 -12.53 -24.75
CA GLY A 128 16.55 -12.54 -25.53
C GLY A 128 15.57 -11.41 -25.31
N THR A 129 15.69 -10.63 -24.23
CA THR A 129 14.80 -9.50 -24.01
C THR A 129 15.62 -8.24 -23.72
N ALA A 130 15.06 -7.09 -24.08
CA ALA A 130 15.67 -5.79 -23.91
C ALA A 130 14.70 -4.86 -23.19
N SER A 131 15.15 -4.28 -22.09
CA SER A 131 14.38 -3.27 -21.37
C SER A 131 15.08 -1.93 -21.49
N VAL A 132 14.36 -0.92 -21.96
CA VAL A 132 14.88 0.45 -22.06
C VAL A 132 14.16 1.30 -21.02
N VAL A 133 14.94 2.02 -20.21
CA VAL A 133 14.40 2.71 -19.04
C VAL A 133 14.57 4.21 -19.22
N CYS A 134 13.47 4.93 -19.15
CA CYS A 134 13.49 6.39 -19.08
C CYS A 134 13.16 6.83 -17.66
N LEU A 135 13.96 7.77 -17.14
CA LEU A 135 13.88 8.22 -15.76
C LEU A 135 13.58 9.72 -15.71
N LEU A 136 12.49 10.07 -15.04
CA LEU A 136 12.12 11.45 -14.73
C LEU A 136 12.35 11.63 -13.23
N ASN A 137 13.29 12.49 -12.85
CA ASN A 137 13.68 12.61 -11.46
C ASN A 137 13.21 13.93 -10.89
N ASN A 138 12.51 13.85 -9.75
CA ASN A 138 12.30 14.95 -8.80
C ASN A 138 11.52 16.12 -9.40
N PHE A 139 10.29 15.87 -9.84
CA PHE A 139 9.45 16.87 -10.47
C PHE A 139 8.14 17.05 -9.71
N TYR A 140 7.44 18.10 -10.07
CA TYR A 140 6.16 18.44 -9.47
C TYR A 140 5.48 19.43 -10.41
N PRO A 141 4.17 19.29 -10.67
CA PRO A 141 3.24 18.30 -10.11
C PRO A 141 3.39 16.91 -10.72
N ARG A 142 2.54 15.96 -10.30
CA ARG A 142 2.71 14.56 -10.69
C ARG A 142 2.46 14.33 -12.17
N GLU A 143 1.49 15.05 -12.75
CA GLU A 143 1.12 14.85 -14.15
C GLU A 143 2.34 14.98 -15.06
N ALA A 144 2.48 14.04 -15.98
CA ALA A 144 3.57 14.02 -16.95
C ALA A 144 3.22 13.03 -18.04
N LYS A 145 3.67 13.31 -19.26
CA LYS A 145 3.44 12.43 -20.40
C LYS A 145 4.79 11.99 -20.95
N VAL A 146 5.00 10.67 -21.01
CA VAL A 146 6.20 10.09 -21.57
C VAL A 146 5.80 9.26 -22.79
N GLN A 147 6.39 9.57 -23.94
CA GLN A 147 6.16 8.80 -25.15
C GLN A 147 7.48 8.24 -25.64
N TRP A 148 7.44 6.99 -26.06
CA TRP A 148 8.58 6.32 -26.65
C TRP A 148 8.53 6.40 -28.17
N LYS A 149 9.68 6.58 -28.78
CA LYS A 149 9.82 6.50 -30.23
C LYS A 149 11.03 5.64 -30.54
N VAL A 150 10.86 4.71 -31.48
CA VAL A 150 11.93 3.84 -31.95
C VAL A 150 12.09 4.09 -33.44
N ASP A 151 13.28 4.49 -33.85
CA ASP A 151 13.54 5.03 -35.18
C ASP A 151 12.39 5.93 -35.63
N ASN A 152 12.04 6.87 -34.76
CA ASN A 152 11.09 7.94 -35.00
C ASN A 152 9.64 7.45 -35.02
N ALA A 153 9.39 6.15 -34.83
CA ALA A 153 8.04 5.62 -34.85
C ALA A 153 7.48 5.56 -33.43
N LEU A 154 6.32 6.18 -33.23
CA LEU A 154 5.67 6.21 -31.93
C LEU A 154 5.31 4.81 -31.44
N GLN A 155 5.71 4.49 -30.22
CA GLN A 155 5.44 3.18 -29.64
C GLN A 155 4.15 3.22 -28.83
N SER A 156 3.42 2.11 -28.84
CA SER A 156 2.19 1.99 -28.10
C SER A 156 2.03 0.56 -27.61
N GLY A 157 1.67 0.39 -26.33
CA GLY A 157 1.35 -0.90 -25.77
C GLY A 157 2.50 -1.72 -25.29
N ASN A 158 3.75 -1.24 -25.40
CA ASN A 158 4.92 -2.01 -25.00
C ASN A 158 5.76 -1.29 -23.96
N SER A 159 5.16 -0.35 -23.21
CA SER A 159 5.86 0.37 -22.16
C SER A 159 4.98 0.39 -20.91
N GLN A 160 5.63 0.50 -19.74
CA GLN A 160 4.93 0.58 -18.46
C GLN A 160 5.59 1.59 -17.55
N GLU A 161 4.76 2.38 -16.86
CA GLU A 161 5.21 3.44 -15.95
C GLU A 161 5.06 3.04 -14.49
N SER A 162 5.99 3.50 -13.68
CA SER A 162 5.88 3.44 -12.22
C SER A 162 6.23 4.81 -11.64
N VAL A 163 5.53 5.20 -10.57
CA VAL A 163 5.69 6.53 -9.97
C VAL A 163 5.86 6.38 -8.47
N THR A 164 6.84 7.07 -7.90
CA THR A 164 7.02 7.09 -6.46
C THR A 164 5.96 7.99 -5.82
N GLU A 165 5.83 7.86 -4.50
CA GLU A 165 5.05 8.87 -3.77
C GLU A 165 5.95 10.04 -3.40
N GLN A 166 5.35 11.08 -2.80
CA GLN A 166 6.05 12.34 -2.62
C GLN A 166 7.27 12.16 -1.73
N ASP A 167 8.39 12.77 -2.14
CA ASP A 167 9.64 12.58 -1.45
C ASP A 167 9.58 13.17 -0.05
N SER A 168 10.38 12.60 0.87
CA SER A 168 10.28 12.96 2.28
C SER A 168 10.76 14.40 2.51
N LYS A 169 11.85 14.81 1.87
CA LYS A 169 12.29 16.19 2.03
C LYS A 169 11.55 17.15 1.09
N ASP A 170 11.64 16.93 -0.22
CA ASP A 170 11.29 18.00 -1.16
C ASP A 170 9.90 17.85 -1.78
N SER A 171 9.13 16.84 -1.39
CA SER A 171 7.76 16.65 -1.85
C SER A 171 7.64 16.48 -3.37
N THR A 172 8.69 16.02 -4.04
CA THR A 172 8.62 15.80 -5.48
C THR A 172 8.29 14.35 -5.78
N TYR A 173 7.95 14.11 -7.04
CA TYR A 173 7.78 12.77 -7.57
C TYR A 173 8.96 12.39 -8.46
N SER A 174 9.09 11.09 -8.66
CA SER A 174 9.96 10.53 -9.68
C SER A 174 9.20 9.45 -10.42
N LEU A 175 9.59 9.20 -11.66
CA LEU A 175 8.82 8.30 -12.50
C LEU A 175 9.78 7.54 -13.41
N SER A 176 9.49 6.26 -13.64
CA SER A 176 10.22 5.45 -14.59
C SER A 176 9.27 4.92 -15.67
N SER A 177 9.75 4.92 -16.90
CA SER A 177 9.03 4.31 -18.01
C SER A 177 9.96 3.28 -18.62
N THR A 178 9.49 2.05 -18.72
CA THR A 178 10.29 0.95 -19.23
C THR A 178 9.70 0.49 -20.55
N LEU A 179 10.50 0.53 -21.61
CA LEU A 179 10.11 -0.01 -22.91
C LEU A 179 10.67 -1.40 -23.02
N THR A 180 9.81 -2.38 -23.28
CA THR A 180 10.23 -3.77 -23.35
C THR A 180 10.08 -4.30 -24.77
N LEU A 181 11.17 -4.85 -25.30
CA LEU A 181 11.23 -5.43 -26.63
C LEU A 181 11.93 -6.79 -26.56
N SER A 182 11.76 -7.57 -27.63
CA SER A 182 12.66 -8.69 -27.85
C SER A 182 14.06 -8.18 -28.18
N LYS A 183 15.07 -8.94 -27.77
CA LYS A 183 16.43 -8.64 -28.19
C LYS A 183 16.52 -8.51 -29.71
N ALA A 184 15.85 -9.42 -30.43
CA ALA A 184 15.81 -9.35 -31.89
C ALA A 184 15.32 -7.99 -32.39
N ASP A 185 14.18 -7.53 -31.86
CA ASP A 185 13.63 -6.27 -32.32
C ASP A 185 14.54 -5.10 -31.93
N TYR A 186 15.12 -5.15 -30.74
CA TYR A 186 15.99 -4.08 -30.30
C TYR A 186 17.16 -3.89 -31.27
N GLU A 187 17.80 -4.98 -31.67
CA GLU A 187 18.90 -4.95 -32.64
C GLU A 187 18.42 -4.69 -34.07
N LYS A 188 17.13 -4.63 -34.29
CA LYS A 188 16.56 -4.33 -35.60
C LYS A 188 16.40 -2.83 -35.84
N HIS A 189 16.72 -2.00 -34.85
CA HIS A 189 16.48 -0.56 -34.90
C HIS A 189 17.64 0.19 -34.27
N LYS A 190 17.72 1.50 -34.56
CA LYS A 190 18.86 2.31 -34.18
C LYS A 190 18.57 3.35 -33.10
N VAL A 191 17.51 4.14 -33.23
CA VAL A 191 17.32 5.31 -32.38
C VAL A 191 16.21 5.05 -31.36
N TYR A 192 16.56 5.14 -30.08
CA TYR A 192 15.65 4.93 -28.97
C TYR A 192 15.49 6.25 -28.23
N ALA A 193 14.26 6.77 -28.19
CA ALA A 193 14.01 8.12 -27.71
C ALA A 193 12.83 8.13 -26.73
N CYS A 194 13.07 8.77 -25.59
CA CYS A 194 12.06 9.07 -24.58
C CYS A 194 11.67 10.53 -24.73
N GLU A 195 10.39 10.83 -24.93
CA GLU A 195 9.94 12.22 -25.01
C GLU A 195 9.01 12.56 -23.86
N VAL A 196 9.38 13.61 -23.12
CA VAL A 196 8.76 13.94 -21.84
C VAL A 196 8.06 15.28 -21.96
N THR A 197 6.80 15.33 -21.55
CA THR A 197 6.03 16.57 -21.49
C THR A 197 5.66 16.86 -20.05
N HIS A 198 5.98 18.06 -19.58
CA HIS A 198 5.72 18.40 -18.18
C HIS A 198 5.53 19.89 -18.01
N GLN A 199 4.68 20.25 -17.06
CA GLN A 199 4.28 21.65 -16.89
C GLN A 199 5.47 22.56 -16.63
N GLY A 200 6.51 22.09 -15.94
CA GLY A 200 7.71 22.87 -15.67
C GLY A 200 8.68 23.03 -16.85
N LEU A 201 8.45 22.34 -17.95
CA LEU A 201 9.33 22.45 -19.10
C LEU A 201 8.72 23.38 -20.14
N SER A 202 9.53 24.28 -20.71
CA SER A 202 8.96 25.21 -21.68
C SER A 202 8.54 24.53 -22.98
N SER A 203 9.08 23.36 -23.28
CA SER A 203 8.60 22.51 -24.37
C SER A 203 9.13 21.09 -24.14
N PRO A 204 8.56 20.09 -24.81
CA PRO A 204 8.91 18.70 -24.46
C PRO A 204 10.39 18.40 -24.63
N VAL A 205 10.91 17.55 -23.75
CA VAL A 205 12.30 17.15 -23.79
C VAL A 205 12.39 15.75 -24.40
N THR A 206 13.29 15.60 -25.37
CA THR A 206 13.60 14.30 -25.95
C THR A 206 14.97 13.86 -25.47
N LYS A 207 15.03 12.71 -24.81
CA LYS A 207 16.28 12.07 -24.42
C LYS A 207 16.39 10.78 -25.22
N SER A 208 17.50 10.60 -25.94
CA SER A 208 17.63 9.46 -26.82
C SER A 208 19.07 8.96 -26.85
N PHE A 209 19.26 7.76 -27.38
CA PHE A 209 20.57 7.22 -27.70
C PHE A 209 20.45 6.39 -28.97
N ASN A 210 21.60 6.14 -29.60
CA ASN A 210 21.68 5.24 -30.75
C ASN A 210 22.21 3.91 -30.24
N ARG A 211 21.46 2.83 -30.49
CA ARG A 211 21.93 1.49 -30.13
C ARG A 211 23.35 1.28 -30.65
N GLY A 212 24.26 0.92 -29.75
CA GLY A 212 25.62 0.65 -30.10
C GLY A 212 26.61 1.76 -29.76
N GLU A 213 26.14 3.00 -29.57
CA GLU A 213 27.09 4.06 -29.31
C GLU A 213 27.53 4.04 -27.84
N CYS A 214 28.54 4.87 -27.54
CA CYS A 214 29.10 4.96 -26.20
C CYS A 214 29.01 6.38 -25.62
N GLU B 1 9.86 -1.52 24.88
CA GLU B 1 8.82 -0.99 24.02
C GLU B 1 7.84 -2.08 23.63
N VAL B 2 6.61 -1.69 23.30
CA VAL B 2 5.63 -2.65 22.83
C VAL B 2 5.97 -3.01 21.38
N GLN B 3 5.95 -4.30 21.07
CA GLN B 3 6.22 -4.73 19.70
C GLN B 3 5.35 -5.92 19.34
N LEU B 4 4.84 -5.91 18.11
CA LEU B 4 4.15 -7.06 17.52
C LEU B 4 4.81 -7.37 16.19
N VAL B 5 5.09 -8.64 15.96
CA VAL B 5 5.81 -9.08 14.77
C VAL B 5 5.00 -10.22 14.16
N GLU B 6 4.43 -9.99 12.97
CA GLU B 6 3.76 -11.06 12.24
C GLU B 6 4.77 -11.86 11.45
N SER B 7 4.51 -13.16 11.32
CA SER B 7 5.27 -14.01 10.41
C SER B 7 4.33 -15.05 9.82
N GLY B 8 4.78 -15.70 8.73
CA GLY B 8 4.04 -16.79 8.13
C GLY B 8 3.37 -16.50 6.80
N GLY B 9 3.30 -15.24 6.37
CA GLY B 9 2.64 -14.96 5.12
C GLY B 9 3.47 -15.41 3.92
N GLY B 10 2.78 -15.68 2.82
CA GLY B 10 3.45 -16.13 1.62
C GLY B 10 2.45 -16.56 0.55
N LEU B 11 2.99 -17.12 -0.53
CA LEU B 11 2.18 -17.63 -1.63
C LEU B 11 1.44 -18.89 -1.21
N VAL B 12 0.14 -18.96 -1.53
CA VAL B 12 -0.63 -20.17 -1.27
C VAL B 12 -1.65 -20.33 -2.38
N GLN B 13 -1.92 -21.57 -2.75
CA GLN B 13 -2.85 -21.82 -3.82
C GLN B 13 -4.29 -21.59 -3.36
N PRO B 14 -5.17 -21.23 -4.28
CA PRO B 14 -6.59 -21.21 -3.93
C PRO B 14 -7.01 -22.58 -3.42
N GLY B 15 -7.79 -22.60 -2.35
CA GLY B 15 -8.14 -23.80 -1.64
C GLY B 15 -7.17 -24.23 -0.57
N GLY B 16 -5.96 -23.68 -0.57
CA GLY B 16 -4.93 -24.10 0.35
C GLY B 16 -5.08 -23.47 1.73
N SER B 17 -4.10 -23.75 2.57
CA SER B 17 -4.09 -23.32 3.97
C SER B 17 -2.78 -22.63 4.31
N LEU B 18 -2.85 -21.71 5.27
CA LEU B 18 -1.68 -21.00 5.76
C LEU B 18 -1.90 -20.70 7.25
N ARG B 19 -0.82 -20.56 8.01
CA ARG B 19 -0.93 -20.23 9.43
C ARG B 19 -0.01 -19.08 9.75
N LEU B 20 -0.57 -18.00 10.25
CA LEU B 20 0.16 -16.81 10.64
C LEU B 20 0.39 -16.80 12.15
N SER B 21 1.52 -16.26 12.56
CA SER B 21 1.82 -16.06 13.97
CA SER B 21 1.83 -16.06 13.97
C SER B 21 2.01 -14.58 14.26
N CYS B 22 1.68 -14.19 15.48
CA CYS B 22 1.83 -12.81 15.95
C CYS B 22 2.57 -12.89 17.27
N ALA B 23 3.87 -12.57 17.28
CA ALA B 23 4.68 -12.65 18.49
C ALA B 23 4.76 -11.26 19.13
N ALA B 24 4.25 -11.17 20.36
CA ALA B 24 4.23 -9.93 21.12
C ALA B 24 5.39 -9.86 22.09
N SER B 25 5.83 -8.63 22.39
CA SER B 25 6.86 -8.40 23.38
C SER B 25 6.65 -7.00 23.97
N GLY B 26 7.07 -6.82 25.22
CA GLY B 26 6.95 -5.54 25.89
C GLY B 26 5.63 -5.33 26.58
N PHE B 27 4.77 -6.33 26.57
CA PHE B 27 3.51 -6.39 27.30
C PHE B 27 3.08 -7.84 27.28
N ASN B 28 2.05 -8.16 28.06
CA ASN B 28 1.48 -9.50 28.17
CA ASN B 28 1.50 -9.50 28.14
C ASN B 28 0.13 -9.51 27.49
N ILE B 29 -0.03 -10.35 26.46
CA ILE B 29 -1.29 -10.40 25.73
C ILE B 29 -2.44 -10.81 26.63
N LYS B 30 -2.18 -11.39 27.80
CA LYS B 30 -3.26 -11.65 28.75
C LYS B 30 -3.90 -10.38 29.27
N ASP B 31 -3.31 -9.22 29.04
CA ASP B 31 -3.88 -7.97 29.52
C ASP B 31 -4.70 -7.22 28.49
N THR B 32 -4.73 -7.68 27.23
CA THR B 32 -5.38 -6.92 26.15
C THR B 32 -6.20 -7.84 25.26
N TYR B 33 -6.97 -7.24 24.36
CA TYR B 33 -7.44 -7.95 23.19
C TYR B 33 -6.34 -7.98 22.14
N ILE B 34 -6.36 -9.03 21.32
CA ILE B 34 -5.49 -9.16 20.15
C ILE B 34 -6.39 -9.32 18.94
N HIS B 35 -6.12 -8.52 17.90
CA HIS B 35 -6.92 -8.56 16.68
C HIS B 35 -6.03 -8.90 15.49
N TRP B 36 -6.66 -9.47 14.47
CA TRP B 36 -6.11 -9.53 13.13
C TRP B 36 -6.93 -8.60 12.24
N VAL B 37 -6.24 -7.79 11.45
CA VAL B 37 -6.86 -6.86 10.51
C VAL B 37 -6.12 -7.01 9.19
N ARG B 38 -6.87 -7.06 8.09
CA ARG B 38 -6.22 -7.19 6.79
C ARG B 38 -6.52 -5.97 5.93
N GLN B 39 -5.70 -5.78 4.90
CA GLN B 39 -5.81 -4.61 4.01
C GLN B 39 -5.59 -5.07 2.58
N SER B 40 -6.54 -4.77 1.69
CA SER B 40 -6.56 -5.31 0.34
C SER B 40 -7.12 -4.27 -0.61
N PRO B 41 -6.78 -4.38 -1.92
CA PRO B 41 -7.36 -3.43 -2.87
C PRO B 41 -8.87 -3.46 -2.89
N GLY B 42 -9.49 -4.64 -2.80
CA GLY B 42 -10.93 -4.73 -2.94
C GLY B 42 -11.71 -4.24 -1.74
N LYS B 43 -11.17 -4.42 -0.53
CA LYS B 43 -11.91 -4.06 0.66
C LYS B 43 -11.23 -3.03 1.55
N GLY B 44 -10.02 -2.59 1.22
CA GLY B 44 -9.35 -1.66 2.12
C GLY B 44 -9.03 -2.34 3.44
N LEU B 45 -9.11 -1.57 4.52
CA LEU B 45 -8.84 -2.11 5.85
C LEU B 45 -10.07 -2.85 6.36
N GLU B 46 -9.87 -4.11 6.75
CA GLU B 46 -10.98 -5.00 7.05
C GLU B 46 -10.61 -5.86 8.25
N TRP B 47 -11.38 -5.72 9.33
CA TRP B 47 -11.14 -6.49 10.53
C TRP B 47 -11.47 -7.97 10.28
N VAL B 48 -10.64 -8.87 10.82
CA VAL B 48 -10.76 -10.31 10.56
C VAL B 48 -11.22 -11.09 11.79
N ALA B 49 -10.57 -10.89 12.92
CA ALA B 49 -10.87 -11.69 14.11
C ALA B 49 -10.24 -11.06 15.33
N ARG B 50 -10.79 -11.37 16.50
CA ARG B 50 -10.17 -10.96 17.75
C ARG B 50 -10.29 -12.07 18.79
N ILE B 51 -9.40 -12.01 19.77
CA ILE B 51 -9.40 -12.95 20.88
C ILE B 51 -9.00 -12.18 22.14
N TYR B 52 -9.63 -12.52 23.27
CA TYR B 52 -9.21 -12.02 24.57
C TYR B 52 -8.47 -13.16 25.27
N PRO B 53 -7.14 -13.18 25.27
CA PRO B 53 -6.42 -14.37 25.76
C PRO B 53 -6.74 -14.75 27.19
N THR B 54 -7.19 -13.83 28.05
CA THR B 54 -7.40 -14.19 29.45
C THR B 54 -8.54 -15.19 29.60
N ASN B 55 -9.57 -15.09 28.77
CA ASN B 55 -10.70 -15.99 28.87
C ASN B 55 -10.99 -16.75 27.58
N GLY B 56 -10.25 -16.49 26.51
CA GLY B 56 -10.39 -17.25 25.29
C GLY B 56 -11.54 -16.86 24.40
N TYR B 57 -12.30 -15.82 24.73
CA TYR B 57 -13.41 -15.40 23.89
C TYR B 57 -12.89 -14.91 22.53
N THR B 58 -13.60 -15.29 21.45
CA THR B 58 -13.20 -14.93 20.10
C THR B 58 -14.40 -14.42 19.31
N ARG B 59 -14.14 -13.54 18.35
CA ARG B 59 -15.16 -13.11 17.40
C ARG B 59 -14.54 -13.07 16.02
N TYR B 60 -15.38 -13.20 14.99
CA TYR B 60 -14.90 -13.32 13.62
C TYR B 60 -15.74 -12.45 12.69
N ALA B 61 -15.08 -11.91 11.67
CA ALA B 61 -15.80 -11.34 10.54
C ALA B 61 -16.58 -12.42 9.78
N ASP B 62 -17.80 -12.07 9.35
CA ASP B 62 -18.66 -13.01 8.65
C ASP B 62 -17.95 -13.63 7.45
N SER B 63 -17.14 -12.85 6.74
CA SER B 63 -16.52 -13.33 5.51
C SER B 63 -15.40 -14.34 5.73
N VAL B 64 -14.96 -14.58 6.97
CA VAL B 64 -13.95 -15.59 7.22
C VAL B 64 -14.40 -16.66 8.19
N LYS B 65 -15.59 -16.50 8.79
CA LYS B 65 -16.11 -17.46 9.76
C LYS B 65 -16.06 -18.88 9.21
N GLY B 66 -15.57 -19.80 10.03
CA GLY B 66 -15.46 -21.19 9.60
C GLY B 66 -14.22 -21.50 8.80
N ARG B 67 -13.70 -20.51 8.06
CA ARG B 67 -12.49 -20.74 7.28
C ARG B 67 -11.22 -20.38 8.05
N PHE B 68 -11.27 -19.38 8.93
CA PHE B 68 -10.12 -18.95 9.71
C PHE B 68 -10.40 -19.21 11.19
N THR B 69 -9.35 -19.52 11.96
CA THR B 69 -9.47 -19.54 13.41
C THR B 69 -8.37 -18.70 14.04
N ILE B 70 -8.72 -17.96 15.10
CA ILE B 70 -7.77 -17.21 15.89
C ILE B 70 -7.53 -17.93 17.21
N SER B 71 -6.29 -17.91 17.69
CA SER B 71 -5.97 -18.54 18.95
C SER B 71 -4.80 -17.82 19.58
N ALA B 72 -4.44 -18.21 20.79
CA ALA B 72 -3.33 -17.57 21.48
C ALA B 72 -2.69 -18.56 22.42
N ASP B 73 -1.37 -18.45 22.55
CA ASP B 73 -0.58 -19.22 23.50
C ASP B 73 0.06 -18.19 24.42
N THR B 74 -0.51 -18.01 25.62
CA THR B 74 -0.01 -16.98 26.52
C THR B 74 1.37 -17.33 27.05
N SER B 75 1.69 -18.62 27.18
CA SER B 75 3.03 -18.97 27.63
C SER B 75 4.10 -18.56 26.63
N LYS B 76 3.73 -18.37 25.37
CA LYS B 76 4.67 -17.85 24.38
C LYS B 76 4.35 -16.42 23.96
N ASN B 77 3.40 -15.76 24.64
CA ASN B 77 2.98 -14.39 24.28
C ASN B 77 2.83 -14.26 22.78
N THR B 78 2.14 -15.22 22.17
CA THR B 78 1.98 -15.30 20.71
C THR B 78 0.55 -15.66 20.38
N ALA B 79 0.02 -15.06 19.32
CA ALA B 79 -1.29 -15.37 18.79
C ALA B 79 -1.17 -15.85 17.35
N TYR B 80 -2.18 -16.58 16.87
CA TYR B 80 -2.12 -17.27 15.60
C TYR B 80 -3.41 -17.05 14.80
N LEU B 81 -3.29 -17.14 13.48
CA LEU B 81 -4.44 -17.14 12.58
C LEU B 81 -4.30 -18.30 11.60
N GLN B 82 -5.10 -19.35 11.80
CA GLN B 82 -5.19 -20.43 10.82
C GLN B 82 -6.11 -20.01 9.69
N MET B 83 -5.66 -20.14 8.46
CA MET B 83 -6.43 -19.73 7.28
CA MET B 83 -6.43 -19.73 7.28
C MET B 83 -6.55 -20.93 6.35
N ASN B 84 -7.76 -21.43 6.18
CA ASN B 84 -8.06 -22.55 5.29
C ASN B 84 -9.02 -22.10 4.20
N SER B 85 -9.16 -22.97 3.20
CA SER B 85 -10.04 -22.74 2.06
C SER B 85 -9.82 -21.36 1.45
N LEU B 86 -8.56 -21.02 1.21
CA LEU B 86 -8.24 -19.66 0.84
C LEU B 86 -8.77 -19.32 -0.56
N ARG B 87 -9.16 -18.05 -0.75
CA ARG B 87 -9.67 -17.54 -2.01
C ARG B 87 -8.89 -16.29 -2.41
N ALA B 88 -9.01 -15.95 -3.69
CA ALA B 88 -8.29 -14.81 -4.25
C ALA B 88 -8.58 -13.52 -3.48
N GLU B 89 -9.77 -13.37 -2.94
CA GLU B 89 -10.08 -12.17 -2.17
C GLU B 89 -9.50 -12.19 -0.76
N ASP B 90 -8.87 -13.28 -0.32
CA ASP B 90 -8.13 -13.25 0.93
C ASP B 90 -6.71 -12.69 0.76
N THR B 91 -6.31 -12.41 -0.47
CA THR B 91 -5.00 -11.80 -0.73
C THR B 91 -4.95 -10.41 -0.13
N ALA B 92 -3.98 -10.18 0.76
CA ALA B 92 -3.97 -8.98 1.58
C ALA B 92 -2.68 -8.92 2.39
N ILE B 93 -2.45 -7.74 2.95
CA ILE B 93 -1.53 -7.60 4.08
C ILE B 93 -2.30 -7.92 5.36
N TYR B 94 -1.76 -8.82 6.16
CA TYR B 94 -2.40 -9.23 7.40
C TYR B 94 -1.64 -8.60 8.54
N TYR B 95 -2.31 -7.80 9.35
CA TYR B 95 -1.72 -7.16 10.51
C TYR B 95 -2.30 -7.75 11.80
N CYS B 96 -1.43 -7.85 12.78
N CYS B 96 -1.45 -7.94 12.80
CA CYS B 96 -1.80 -8.10 14.16
CA CYS B 96 -1.99 -8.12 14.14
C CYS B 96 -1.81 -6.77 14.93
C CYS B 96 -1.82 -6.85 14.94
N SER B 97 -2.76 -6.62 15.86
CA SER B 97 -2.82 -5.40 16.63
C SER B 97 -3.36 -5.71 18.02
N ARG B 98 -3.08 -4.82 18.97
CA ARG B 98 -3.63 -4.95 20.31
C ARG B 98 -4.66 -3.86 20.57
N TRP B 99 -5.58 -4.14 21.48
CA TRP B 99 -6.65 -3.21 21.77
C TRP B 99 -6.93 -3.29 23.26
N GLY B 100 -7.02 -2.13 23.90
CA GLY B 100 -7.18 -2.08 25.33
C GLY B 100 -5.89 -2.11 26.12
N GLY B 101 -4.75 -2.02 25.45
CA GLY B 101 -3.48 -1.95 26.16
C GLY B 101 -3.34 -0.62 26.90
N ASP B 102 -2.97 -0.70 28.18
CA ASP B 102 -2.79 0.50 29.01
C ASP B 102 -4.07 1.32 29.09
N GLY B 103 -5.23 0.66 28.99
CA GLY B 103 -6.50 1.34 29.03
C GLY B 103 -6.88 2.14 27.80
N PHE B 104 -6.07 2.06 26.73
CA PHE B 104 -6.38 2.77 25.50
C PHE B 104 -7.33 1.94 24.63
N TYR B 105 -8.51 2.49 24.37
CA TYR B 105 -9.57 1.77 23.67
C TYR B 105 -9.50 2.04 22.17
N ALA B 106 -8.32 1.72 21.64
CA ALA B 106 -8.04 1.73 20.22
C ALA B 106 -6.89 0.77 19.98
N MET B 107 -6.61 0.51 18.69
CA MET B 107 -5.50 -0.36 18.33
C MET B 107 -4.25 0.49 18.29
N ASP B 108 -3.46 0.48 19.37
CA ASP B 108 -2.38 1.45 19.49
C ASP B 108 -1.02 0.91 19.04
N TYR B 109 -0.90 -0.39 18.82
CA TYR B 109 0.27 -0.96 18.19
C TYR B 109 -0.18 -1.94 17.14
N TRP B 110 0.51 -1.92 16.00
CA TRP B 110 0.26 -2.79 14.86
C TRP B 110 1.59 -3.40 14.45
N GLY B 111 1.57 -4.64 14.02
CA GLY B 111 2.78 -5.22 13.49
C GLY B 111 3.13 -4.61 12.14
N GLN B 112 4.31 -4.98 11.65
CA GLN B 112 4.72 -4.55 10.32
C GLN B 112 3.83 -5.15 9.23
N GLY B 113 3.10 -6.20 9.55
CA GLY B 113 2.19 -6.84 8.61
C GLY B 113 2.90 -7.89 7.77
N THR B 114 2.14 -8.91 7.39
CA THR B 114 2.67 -9.98 6.57
C THR B 114 1.75 -10.19 5.36
N LEU B 115 2.37 -10.38 4.18
CA LEU B 115 1.63 -10.43 2.92
C LEU B 115 1.23 -11.87 2.57
N VAL B 116 -0.06 -12.07 2.32
CA VAL B 116 -0.59 -13.35 1.86
C VAL B 116 -1.07 -13.18 0.43
N THR B 117 -0.55 -14.01 -0.47
CA THR B 117 -0.87 -13.95 -1.90
C THR B 117 -1.50 -15.27 -2.30
N VAL B 118 -2.78 -15.25 -2.63
CA VAL B 118 -3.51 -16.46 -2.99
C VAL B 118 -3.53 -16.55 -4.50
N SER B 119 -2.79 -17.51 -5.05
CA SER B 119 -2.67 -17.60 -6.50
C SER B 119 -2.17 -18.99 -6.88
N SER B 120 -2.54 -19.44 -8.08
CA SER B 120 -2.04 -20.72 -8.58
CA SER B 120 -2.05 -20.71 -8.59
C SER B 120 -0.68 -20.59 -9.26
N ALA B 121 -0.21 -19.37 -9.52
CA ALA B 121 1.07 -19.20 -10.18
C ALA B 121 2.21 -19.62 -9.26
N SER B 122 3.36 -19.92 -9.85
CA SER B 122 4.47 -20.45 -9.07
C SER B 122 5.52 -19.38 -8.79
N THR B 123 6.28 -19.62 -7.73
CA THR B 123 7.37 -18.74 -7.35
C THR B 123 8.39 -18.62 -8.47
N LYS B 124 8.95 -17.42 -8.64
CA LYS B 124 10.04 -17.24 -9.59
C LYS B 124 10.95 -16.13 -9.07
N GLY B 125 12.25 -16.42 -9.06
CA GLY B 125 13.23 -15.46 -8.61
C GLY B 125 13.57 -14.49 -9.72
N PRO B 126 13.96 -13.28 -9.35
CA PRO B 126 14.21 -12.24 -10.34
C PRO B 126 15.61 -12.33 -10.94
N SER B 127 15.75 -11.74 -12.13
CA SER B 127 17.06 -11.38 -12.66
C SER B 127 17.33 -9.93 -12.32
N VAL B 128 18.58 -9.63 -11.94
CA VAL B 128 18.97 -8.28 -11.53
C VAL B 128 19.96 -7.72 -12.54
N PHE B 129 19.57 -6.63 -13.21
CA PHE B 129 20.44 -6.05 -14.21
C PHE B 129 20.91 -4.66 -13.81
N PRO B 130 22.13 -4.29 -14.14
CA PRO B 130 22.57 -2.93 -13.81
C PRO B 130 21.91 -1.89 -14.71
N LEU B 131 21.65 -0.73 -14.11
CA LEU B 131 21.37 0.51 -14.86
C LEU B 131 22.63 1.35 -14.73
N ALA B 132 23.52 1.20 -15.70
CA ALA B 132 24.85 1.79 -15.59
C ALA B 132 24.77 3.30 -15.81
N PRO B 133 25.48 4.10 -15.03
CA PRO B 133 25.57 5.53 -15.34
C PRO B 133 26.30 5.72 -16.66
N SER B 134 25.98 6.81 -17.34
CA SER B 134 26.61 7.12 -18.62
C SER B 134 26.40 8.60 -18.90
N SER B 135 26.80 9.02 -20.11
CA SER B 135 26.56 10.39 -20.52
C SER B 135 25.08 10.68 -20.70
N LYS B 136 24.26 9.64 -20.79
CA LYS B 136 22.81 9.79 -20.96
C LYS B 136 22.06 9.77 -19.63
N SER B 137 22.76 9.66 -18.50
CA SER B 137 22.12 9.67 -17.19
C SER B 137 22.78 10.69 -16.26
N THR B 138 23.35 11.75 -16.79
CA THR B 138 24.00 12.74 -15.94
C THR B 138 23.64 14.14 -16.39
N SER B 139 23.59 15.04 -15.43
CA SER B 139 23.38 16.46 -15.70
C SER B 139 23.69 17.23 -14.42
N GLY B 140 24.14 18.48 -14.60
CA GLY B 140 24.40 19.35 -13.46
C GLY B 140 25.47 18.84 -12.53
N GLY B 141 26.32 17.92 -12.98
CA GLY B 141 27.34 17.33 -12.14
C GLY B 141 26.86 16.20 -11.25
N THR B 142 25.66 15.70 -11.47
CA THR B 142 25.20 14.49 -10.81
C THR B 142 24.82 13.44 -11.84
N ALA B 143 24.83 12.19 -11.40
CA ALA B 143 24.65 11.06 -12.29
C ALA B 143 23.73 10.06 -11.62
N ALA B 144 22.76 9.56 -12.39
CA ALA B 144 21.83 8.54 -11.93
C ALA B 144 22.32 7.17 -12.37
N LEU B 145 22.21 6.19 -11.47
CA LEU B 145 22.43 4.79 -11.79
C LEU B 145 21.43 3.97 -10.98
N GLY B 146 21.37 2.67 -11.23
CA GLY B 146 20.40 1.85 -10.53
C GLY B 146 20.47 0.38 -10.88
N CYS B 147 19.39 -0.33 -10.55
CA CYS B 147 19.25 -1.77 -10.77
C CYS B 147 17.86 -2.08 -11.26
N LEU B 148 17.75 -2.88 -12.32
CA LEU B 148 16.49 -3.39 -12.83
C LEU B 148 16.29 -4.81 -12.31
N VAL B 149 15.25 -4.99 -11.50
CA VAL B 149 14.92 -6.26 -10.87
C VAL B 149 13.70 -6.81 -11.61
N LYS B 150 13.94 -7.72 -12.57
CA LYS B 150 12.93 -8.11 -13.54
C LYS B 150 12.46 -9.56 -13.37
N ASP B 151 11.15 -9.78 -13.58
CA ASP B 151 10.53 -11.10 -13.71
C ASP B 151 10.55 -11.92 -12.42
N TYR B 152 9.85 -11.50 -11.38
CA TYR B 152 9.75 -12.30 -10.17
C TYR B 152 8.29 -12.47 -9.76
N PHE B 153 8.06 -13.47 -8.90
CA PHE B 153 6.73 -13.72 -8.36
C PHE B 153 6.89 -14.57 -7.13
N PRO B 154 6.11 -14.34 -6.06
CA PRO B 154 5.21 -13.20 -5.89
C PRO B 154 5.95 -12.02 -5.28
N GLU B 155 5.23 -10.92 -4.96
CA GLU B 155 5.81 -9.89 -4.12
CA GLU B 155 5.79 -9.89 -4.12
C GLU B 155 6.18 -10.50 -2.76
N PRO B 156 7.08 -9.84 -2.02
CA PRO B 156 7.78 -8.58 -2.25
C PRO B 156 9.25 -8.76 -2.57
N VAL B 157 9.83 -7.72 -3.15
CA VAL B 157 11.27 -7.62 -3.35
C VAL B 157 11.75 -6.39 -2.58
N THR B 158 12.87 -6.51 -1.87
CA THR B 158 13.48 -5.35 -1.25
C THR B 158 14.82 -5.03 -1.90
N VAL B 159 15.13 -3.73 -1.94
CA VAL B 159 16.39 -3.21 -2.46
C VAL B 159 16.96 -2.25 -1.42
N SER B 160 18.27 -2.35 -1.18
CA SER B 160 19.05 -1.36 -0.46
C SER B 160 20.31 -1.06 -1.27
N TRP B 161 21.00 0.01 -0.92
CA TRP B 161 22.24 0.39 -1.60
C TRP B 161 23.38 0.43 -0.59
N ASN B 162 24.51 -0.18 -0.95
CA ASN B 162 25.67 -0.25 -0.08
C ASN B 162 25.26 -0.68 1.33
N SER B 163 24.54 -1.80 1.38
CA SER B 163 24.10 -2.44 2.63
C SER B 163 23.38 -1.47 3.53
N GLY B 164 22.64 -0.53 2.93
CA GLY B 164 21.87 0.44 3.68
C GLY B 164 22.62 1.68 4.08
N ALA B 165 23.92 1.77 3.79
CA ALA B 165 24.66 3.00 4.09
C ALA B 165 24.25 4.14 3.17
N LEU B 166 23.82 3.82 1.95
CA LEU B 166 23.49 4.82 0.94
C LEU B 166 21.97 4.94 0.86
N THR B 167 21.44 6.06 1.32
CA THR B 167 19.99 6.27 1.31
C THR B 167 19.60 7.60 0.66
N SER B 168 20.47 8.60 0.72
CA SER B 168 20.15 9.90 0.12
C SER B 168 20.07 9.79 -1.39
N GLY B 169 18.99 10.31 -1.97
CA GLY B 169 18.86 10.30 -3.41
C GLY B 169 18.41 8.99 -4.01
N VAL B 170 17.97 8.03 -3.19
CA VAL B 170 17.54 6.72 -3.65
C VAL B 170 16.04 6.77 -3.94
N HIS B 171 15.65 6.33 -5.12
CA HIS B 171 14.24 6.12 -5.46
C HIS B 171 14.09 4.67 -5.90
N THR B 172 13.33 3.90 -5.11
CA THR B 172 12.96 2.54 -5.46
C THR B 172 11.50 2.56 -5.91
N PHE B 173 11.28 2.23 -7.15
CA PHE B 173 9.94 2.43 -7.67
C PHE B 173 9.00 1.30 -7.24
N PRO B 174 7.72 1.57 -7.14
CA PRO B 174 6.75 0.49 -6.93
C PRO B 174 6.84 -0.51 -8.07
N CYS B 175 6.67 -1.78 -7.74
CA CYS B 175 6.74 -2.81 -8.75
C CYS B 175 5.57 -2.66 -9.72
N VAL B 176 5.79 -3.11 -10.94
CA VAL B 176 4.73 -3.20 -11.93
C VAL B 176 4.49 -4.67 -12.25
N LEU B 177 3.24 -5.00 -12.53
CA LEU B 177 2.84 -6.34 -12.97
C LEU B 177 2.90 -6.37 -14.50
N GLN B 178 3.80 -7.16 -15.04
CA GLN B 178 3.91 -7.28 -16.48
C GLN B 178 2.81 -8.20 -17.02
N SER B 179 2.56 -8.11 -18.32
CA SER B 179 1.53 -8.93 -18.94
C SER B 179 1.81 -10.42 -18.79
N SER B 180 3.06 -10.79 -18.53
CA SER B 180 3.47 -12.16 -18.27
C SER B 180 2.98 -12.69 -16.93
N GLY B 181 2.36 -11.86 -16.09
CA GLY B 181 2.07 -12.24 -14.74
C GLY B 181 3.24 -12.15 -13.79
N LEU B 182 4.40 -11.70 -14.25
CA LEU B 182 5.58 -11.54 -13.42
C LEU B 182 5.79 -10.06 -13.07
N TYR B 183 6.33 -9.82 -11.88
CA TYR B 183 6.59 -8.47 -11.43
C TYR B 183 7.98 -8.00 -11.85
N SER B 184 8.17 -6.68 -11.78
CA SER B 184 9.39 -6.02 -12.20
C SER B 184 9.48 -4.70 -11.46
N LEU B 185 10.70 -4.32 -11.05
CA LEU B 185 10.87 -2.99 -10.47
C LEU B 185 12.28 -2.51 -10.74
N SER B 186 12.46 -1.21 -10.58
CA SER B 186 13.75 -0.56 -10.68
C SER B 186 14.00 0.26 -9.42
N SER B 187 15.27 0.35 -9.05
CA SER B 187 15.72 1.22 -7.98
C SER B 187 16.84 2.09 -8.54
N VAL B 188 16.73 3.40 -8.39
CA VAL B 188 17.76 4.29 -8.89
C VAL B 188 18.29 5.15 -7.77
N VAL B 189 19.52 5.62 -7.94
CA VAL B 189 20.11 6.57 -7.00
C VAL B 189 20.88 7.61 -7.80
N THR B 190 20.87 8.85 -7.29
CA THR B 190 21.60 9.97 -7.87
CA THR B 190 21.61 9.95 -7.88
C THR B 190 22.81 10.27 -7.00
N VAL B 191 23.97 10.45 -7.62
CA VAL B 191 25.23 10.61 -6.88
C VAL B 191 26.12 11.61 -7.61
N PRO B 192 27.14 12.14 -6.94
CA PRO B 192 28.07 13.06 -7.61
C PRO B 192 28.74 12.40 -8.81
N SER B 193 28.77 13.10 -9.94
CA SER B 193 29.46 12.57 -11.11
C SER B 193 30.91 12.21 -10.80
N SER B 194 31.57 13.03 -9.98
CA SER B 194 32.98 12.86 -9.66
C SER B 194 33.25 11.62 -8.81
N SER B 195 32.22 11.10 -8.15
CA SER B 195 32.40 9.90 -7.34
C SER B 195 32.35 8.64 -8.18
N LEU B 196 31.84 8.70 -9.41
CA LEU B 196 31.76 7.51 -10.25
C LEU B 196 33.15 6.95 -10.49
N GLY B 197 33.33 5.66 -10.20
CA GLY B 197 34.61 5.03 -10.41
C GLY B 197 35.55 5.08 -9.22
N THR B 198 35.30 5.96 -8.25
CA THR B 198 36.01 5.90 -6.99
C THR B 198 35.17 5.28 -5.89
N GLN B 199 33.88 5.59 -5.84
CA GLN B 199 32.95 5.03 -4.86
C GLN B 199 32.25 3.82 -5.47
N THR B 200 32.23 2.71 -4.73
CA THR B 200 31.53 1.51 -5.16
C THR B 200 30.04 1.66 -4.92
N TYR B 201 29.24 1.28 -5.92
CA TYR B 201 27.79 1.32 -5.81
C TYR B 201 27.23 -0.08 -6.03
N ILE B 202 26.55 -0.62 -5.00
CA ILE B 202 25.99 -1.96 -5.04
C ILE B 202 24.54 -1.91 -4.59
N CYS B 203 23.66 -2.56 -5.34
CA CYS B 203 22.28 -2.73 -4.92
C CYS B 203 22.13 -4.12 -4.30
N ASN B 204 21.61 -4.16 -3.10
CA ASN B 204 21.38 -5.41 -2.39
C ASN B 204 19.90 -5.75 -2.61
N VAL B 205 19.66 -6.79 -3.39
CA VAL B 205 18.32 -7.22 -3.77
C VAL B 205 18.01 -8.49 -3.00
N ASN B 206 16.87 -8.50 -2.32
CA ASN B 206 16.43 -9.69 -1.60
C ASN B 206 15.02 -10.03 -2.05
N HIS B 207 14.83 -11.27 -2.48
CA HIS B 207 13.50 -11.81 -2.80
C HIS B 207 13.33 -13.08 -1.97
N LYS B 208 12.95 -12.90 -0.72
CA LYS B 208 12.80 -14.01 0.22
C LYS B 208 11.90 -15.15 -0.29
N PRO B 209 10.79 -14.92 -1.00
CA PRO B 209 9.99 -16.06 -1.49
C PRO B 209 10.76 -17.07 -2.33
N SER B 210 11.86 -16.69 -2.97
CA SER B 210 12.65 -17.63 -3.77
C SER B 210 14.06 -17.80 -3.22
N ASN B 211 14.33 -17.30 -2.02
CA ASN B 211 15.67 -17.31 -1.43
C ASN B 211 16.71 -16.72 -2.38
N THR B 212 16.31 -15.66 -3.08
CA THR B 212 17.21 -14.95 -3.98
C THR B 212 17.83 -13.78 -3.23
N LYS B 213 19.15 -13.81 -3.06
CA LYS B 213 19.91 -12.69 -2.54
C LYS B 213 20.95 -12.34 -3.60
N VAL B 214 20.91 -11.10 -4.09
CA VAL B 214 21.85 -10.61 -5.10
C VAL B 214 22.39 -9.27 -4.64
N ASP B 215 23.71 -9.12 -4.70
CA ASP B 215 24.42 -7.89 -4.37
C ASP B 215 25.12 -7.48 -5.66
N LYS B 216 24.50 -6.59 -6.42
CA LYS B 216 24.97 -6.27 -7.77
C LYS B 216 25.75 -4.96 -7.77
N LYS B 217 27.00 -5.02 -8.20
CA LYS B 217 27.84 -3.83 -8.34
C LYS B 217 27.54 -3.19 -9.69
N VAL B 218 27.30 -1.88 -9.68
CA VAL B 218 26.94 -1.11 -10.87
C VAL B 218 28.09 -0.16 -11.20
N GLU B 219 28.64 -0.28 -12.40
CA GLU B 219 29.77 0.54 -12.83
C GLU B 219 29.46 1.23 -14.14
N PRO B 220 30.19 2.29 -14.47
CA PRO B 220 30.04 2.91 -15.81
C PRO B 220 30.49 1.94 -16.89
N LYS B 221 29.89 2.07 -18.07
CA LYS B 221 30.15 1.11 -19.16
C LYS B 221 31.54 1.31 -19.75
N SER B 222 32.03 0.26 -20.42
CA SER B 222 33.43 0.15 -20.84
C SER B 222 33.74 0.99 -22.07
N CYS B 223 33.45 0.43 -23.26
CA CYS B 223 33.73 1.00 -24.59
C CYS B 223 35.19 0.83 -25.01
N SER C 2 -23.11 5.39 -12.63
CA SER C 2 -21.68 5.32 -12.94
C SER C 2 -20.92 6.19 -11.96
N GLU C 3 -19.59 6.03 -11.97
CA GLU C 3 -18.71 6.66 -11.00
C GLU C 3 -18.12 7.92 -11.59
N VAL C 4 -18.24 9.02 -10.85
CA VAL C 4 -17.65 10.28 -11.28
C VAL C 4 -16.81 10.83 -10.14
N THR C 5 -15.86 11.68 -10.51
CA THR C 5 -15.00 12.38 -9.56
C THR C 5 -15.25 13.87 -9.70
N ILE C 6 -15.73 14.48 -8.63
CA ILE C 6 -15.94 15.93 -8.60
C ILE C 6 -14.69 16.58 -8.04
N LYS C 7 -14.02 17.39 -8.86
CA LYS C 7 -12.83 18.12 -8.41
CA LYS C 7 -12.83 18.13 -8.42
C LYS C 7 -13.24 19.50 -7.89
N VAL C 8 -12.65 19.88 -6.76
CA VAL C 8 -13.05 21.09 -6.03
C VAL C 8 -11.82 21.92 -5.70
N ASN C 9 -11.90 23.22 -5.96
CA ASN C 9 -10.97 24.22 -5.45
C ASN C 9 -11.58 24.85 -4.21
N LEU C 10 -10.83 24.81 -3.11
CA LEU C 10 -11.26 25.42 -1.86
C LEU C 10 -10.47 26.70 -1.70
N ILE C 11 -11.16 27.84 -1.84
CA ILE C 11 -10.52 29.14 -1.90
C ILE C 11 -10.83 29.88 -0.61
N PHE C 12 -9.81 30.06 0.24
CA PHE C 12 -10.01 30.67 1.54
C PHE C 12 -9.79 32.18 1.46
N ALA C 13 -10.39 32.90 2.42
CA ALA C 13 -10.39 34.35 2.36
C ALA C 13 -8.97 34.92 2.34
N ASP C 14 -8.03 34.29 3.04
CA ASP C 14 -6.67 34.79 3.00
C ASP C 14 -5.95 34.43 1.70
N GLY C 15 -6.67 33.91 0.71
CA GLY C 15 -6.09 33.60 -0.57
C GLY C 15 -5.42 32.25 -0.67
N LYS C 16 -5.33 31.50 0.43
CA LYS C 16 -4.80 30.15 0.36
C LYS C 16 -5.77 29.24 -0.38
N ILE C 17 -5.23 28.30 -1.15
CA ILE C 17 -6.04 27.41 -1.97
C ILE C 17 -5.66 25.96 -1.67
N GLN C 18 -6.66 25.12 -1.44
CA GLN C 18 -6.48 23.67 -1.35
C GLN C 18 -7.34 23.04 -2.44
N THR C 19 -7.02 21.80 -2.79
CA THR C 19 -7.85 21.05 -3.72
C THR C 19 -8.27 19.74 -3.09
N ALA C 20 -9.49 19.30 -3.43
CA ALA C 20 -10.08 18.09 -2.88
C ALA C 20 -10.83 17.36 -3.98
N GLU C 21 -11.05 16.07 -3.77
CA GLU C 21 -11.88 15.28 -4.66
C GLU C 21 -12.90 14.50 -3.86
N PHE C 22 -14.09 14.35 -4.45
CA PHE C 22 -15.15 13.49 -3.96
C PHE C 22 -15.52 12.55 -5.09
N LYS C 23 -15.69 11.27 -4.80
CA LYS C 23 -16.04 10.30 -5.82
C LYS C 23 -17.29 9.55 -5.41
N GLY C 24 -18.04 9.11 -6.40
CA GLY C 24 -19.27 8.37 -6.20
C GLY C 24 -20.16 8.56 -7.42
N THR C 25 -21.43 8.21 -7.26
CA THR C 25 -22.38 8.69 -8.27
C THR C 25 -22.36 10.21 -8.24
N PHE C 26 -22.80 10.81 -9.34
CA PHE C 26 -22.79 12.27 -9.42
C PHE C 26 -23.58 12.89 -8.26
N GLU C 27 -24.66 12.23 -7.85
CA GLU C 27 -25.47 12.82 -6.81
C GLU C 27 -24.82 12.63 -5.44
N GLU C 28 -24.25 11.45 -5.20
CA GLU C 28 -23.49 11.22 -3.98
C GLU C 28 -22.32 12.19 -3.89
N ALA C 29 -21.49 12.25 -4.94
CA ALA C 29 -20.33 13.12 -4.90
C ALA C 29 -20.72 14.58 -4.71
N THR C 30 -21.81 14.99 -5.35
CA THR C 30 -22.34 16.35 -5.19
C THR C 30 -22.72 16.62 -3.74
N ALA C 31 -23.55 15.74 -3.16
CA ALA C 31 -23.99 15.92 -1.79
C ALA C 31 -22.81 15.95 -0.83
N GLU C 32 -21.78 15.15 -1.09
CA GLU C 32 -20.65 15.14 -0.16
C GLU C 32 -19.85 16.44 -0.24
N ALA C 33 -19.67 16.98 -1.45
CA ALA C 33 -18.94 18.23 -1.59
C ALA C 33 -19.66 19.37 -0.88
N TYR C 34 -20.98 19.47 -1.07
CA TYR C 34 -21.75 20.51 -0.39
C TYR C 34 -21.72 20.33 1.13
N ARG C 35 -21.74 19.08 1.61
CA ARG C 35 -21.67 18.86 3.05
C ARG C 35 -20.31 19.27 3.60
N TYR C 36 -19.24 18.98 2.86
CA TYR C 36 -17.90 19.37 3.29
C TYR C 36 -17.74 20.88 3.32
N ALA C 37 -18.30 21.57 2.31
CA ALA C 37 -18.24 23.02 2.28
C ALA C 37 -18.95 23.62 3.48
N ALA C 38 -20.14 23.12 3.81
CA ALA C 38 -20.85 23.57 5.00
C ALA C 38 -20.00 23.41 6.26
N LEU C 39 -19.38 22.25 6.41
CA LEU C 39 -18.55 22.03 7.60
C LEU C 39 -17.39 23.01 7.64
N LEU C 40 -16.69 23.20 6.51
CA LEU C 40 -15.59 24.16 6.51
C LEU C 40 -16.09 25.60 6.71
N ALA C 41 -17.31 25.90 6.29
CA ALA C 41 -17.82 27.25 6.45
C ALA C 41 -17.96 27.62 7.92
N LYS C 42 -18.05 26.63 8.82
CA LYS C 42 -18.21 26.94 10.23
C LYS C 42 -16.98 27.67 10.78
N VAL C 43 -15.80 27.29 10.31
CA VAL C 43 -14.56 27.84 10.82
C VAL C 43 -14.07 28.96 9.90
N ASN C 44 -14.35 28.84 8.61
CA ASN C 44 -13.74 29.71 7.60
C ASN C 44 -14.73 30.68 6.98
N GLY C 45 -15.96 30.71 7.46
CA GLY C 45 -16.93 31.68 7.02
C GLY C 45 -17.77 31.16 5.86
N GLU C 46 -18.84 31.91 5.59
CA GLU C 46 -19.85 31.50 4.63
C GLU C 46 -19.22 31.16 3.29
N TYR C 47 -19.78 30.16 2.62
CA TYR C 47 -19.23 29.69 1.36
C TYR C 47 -20.19 30.01 0.22
N THR C 48 -19.62 30.19 -0.97
CA THR C 48 -20.39 30.17 -2.20
C THR C 48 -19.71 29.19 -3.14
N ALA C 49 -20.50 28.46 -3.91
CA ALA C 49 -19.98 27.38 -4.74
C ALA C 49 -20.40 27.61 -6.18
N ASP C 50 -19.41 27.72 -7.07
CA ASP C 50 -19.64 27.85 -8.51
C ASP C 50 -19.36 26.51 -9.18
N LEU C 51 -20.18 26.17 -10.17
CA LEU C 51 -20.19 24.82 -10.76
C LEU C 51 -19.90 24.87 -12.25
N GLU C 52 -18.62 24.95 -12.61
CA GLU C 52 -18.23 24.75 -14.00
C GLU C 52 -18.41 23.28 -14.39
N ASP C 53 -18.45 23.05 -15.70
CA ASP C 53 -18.34 21.69 -16.26
C ASP C 53 -19.53 20.81 -15.87
N GLY C 54 -20.74 21.38 -15.92
CA GLY C 54 -21.93 20.62 -15.62
C GLY C 54 -21.99 20.04 -14.23
N GLY C 55 -21.26 20.65 -13.28
CA GLY C 55 -21.22 20.21 -11.90
C GLY C 55 -19.98 19.42 -11.50
N ASN C 56 -19.24 18.84 -12.47
CA ASN C 56 -18.12 17.96 -12.15
C ASN C 56 -16.90 18.69 -11.62
N HIS C 57 -16.88 20.00 -11.67
CA HIS C 57 -15.87 20.82 -11.03
C HIS C 57 -16.57 21.91 -10.24
N MET C 58 -16.02 22.27 -9.08
CA MET C 58 -16.58 23.35 -8.29
C MET C 58 -15.45 24.25 -7.79
N ASN C 59 -15.77 25.54 -7.70
CA ASN C 59 -14.94 26.51 -7.00
C ASN C 59 -15.72 26.94 -5.76
N ILE C 60 -15.16 26.70 -4.59
CA ILE C 60 -15.84 26.93 -3.33
C ILE C 60 -15.05 27.99 -2.56
N LYS C 61 -15.61 29.21 -2.49
CA LYS C 61 -14.99 30.34 -1.81
C LYS C 61 -15.60 30.50 -0.43
N PHE C 62 -14.75 30.77 0.55
CA PHE C 62 -15.18 30.99 1.93
C PHE C 62 -15.01 32.46 2.29
N ALA C 63 -16.00 33.03 2.97
CA ALA C 63 -16.02 34.48 3.18
C ALA C 63 -14.95 34.95 4.16
N GLY C 64 -14.45 34.07 5.02
CA GLY C 64 -13.55 34.50 6.05
C GLY C 64 -14.33 34.79 7.30
N GLY D 1 -5.04 -30.99 24.32
CA GLY D 1 -6.23 -30.94 25.15
C GLY D 1 -7.19 -32.07 24.86
N SER D 2 -8.27 -32.15 25.64
CA SER D 2 -9.33 -33.13 25.43
C SER D 2 -10.51 -32.49 24.72
N TYR D 3 -11.47 -33.33 24.31
CA TYR D 3 -12.64 -32.86 23.57
C TYR D 3 -13.88 -33.62 24.02
N ASN D 4 -15.03 -32.95 23.91
CA ASN D 4 -16.31 -33.60 24.13
C ASN D 4 -16.72 -34.39 22.89
N LYS D 5 -17.81 -35.13 23.01
CA LYS D 5 -18.24 -36.00 21.92
C LYS D 5 -18.61 -35.21 20.67
N ASP D 6 -19.06 -33.95 20.83
CA ASP D 6 -19.40 -33.14 19.67
C ASP D 6 -18.16 -32.73 18.89
N GLN D 7 -17.16 -32.21 19.59
CA GLN D 7 -15.91 -31.85 18.92
C GLN D 7 -15.24 -33.09 18.33
N GLN D 8 -15.24 -34.20 19.09
CA GLN D 8 -14.75 -35.47 18.57
C GLN D 8 -15.44 -35.82 17.25
N SER D 9 -16.76 -35.62 17.20
CA SER D 9 -17.50 -35.98 16.00
C SER D 9 -17.03 -35.16 14.81
N ALA D 10 -16.78 -33.87 15.01
CA ALA D 10 -16.33 -33.00 13.92
C ALA D 10 -14.96 -33.43 13.41
N PHE D 11 -14.04 -33.73 14.33
CA PHE D 11 -12.75 -34.31 13.96
CA PHE D 11 -12.76 -34.30 13.93
C PHE D 11 -12.95 -35.50 13.02
N TYR D 12 -13.83 -36.42 13.42
CA TYR D 12 -14.06 -37.66 12.68
C TYR D 12 -14.55 -37.39 11.27
N GLU D 13 -15.49 -36.45 11.11
CA GLU D 13 -16.02 -36.13 9.79
C GLU D 13 -14.94 -35.61 8.85
N ILE D 14 -14.13 -34.67 9.33
CA ILE D 14 -13.10 -34.09 8.48
C ILE D 14 -12.04 -35.12 8.14
N LEU D 15 -11.66 -35.94 9.12
CA LEU D 15 -10.68 -37.00 8.87
C LEU D 15 -11.10 -37.89 7.71
N ASN D 16 -12.41 -38.16 7.60
CA ASN D 16 -12.88 -39.12 6.60
C ASN D 16 -13.21 -38.51 5.25
N MET D 17 -13.21 -37.18 5.12
CA MET D 17 -13.61 -36.57 3.86
C MET D 17 -12.68 -37.02 2.73
N PRO D 18 -13.22 -37.54 1.63
CA PRO D 18 -12.36 -38.13 0.59
C PRO D 18 -11.77 -37.13 -0.39
N ASN D 19 -12.30 -35.92 -0.50
CA ASN D 19 -11.84 -35.00 -1.54
C ASN D 19 -10.95 -33.89 -0.99
N LEU D 20 -10.59 -33.91 0.28
CA LEU D 20 -9.59 -32.98 0.77
C LEU D 20 -8.20 -33.56 0.52
N ASN D 21 -7.24 -32.70 0.18
CA ASN D 21 -5.87 -33.17 0.25
C ASN D 21 -5.40 -33.09 1.70
N GLU D 22 -4.19 -33.56 1.98
CA GLU D 22 -3.77 -33.65 3.37
C GLU D 22 -3.46 -32.29 3.99
N ALA D 23 -2.95 -31.32 3.21
CA ALA D 23 -2.77 -29.99 3.75
C ALA D 23 -4.10 -29.40 4.20
N GLN D 24 -5.15 -29.62 3.40
CA GLN D 24 -6.46 -29.06 3.72
C GLN D 24 -7.06 -29.75 4.93
N ARG D 25 -7.04 -31.08 4.94
CA ARG D 25 -7.59 -31.83 6.05
C ARG D 25 -6.94 -31.40 7.37
N ASN D 26 -5.60 -31.34 7.40
CA ASN D 26 -4.95 -30.99 8.65
C ASN D 26 -5.13 -29.51 9.01
N GLY D 27 -5.29 -28.64 8.01
CA GLY D 27 -5.58 -27.24 8.30
C GLY D 27 -6.90 -27.08 9.04
N PHE D 28 -7.95 -27.75 8.55
CA PHE D 28 -9.23 -27.73 9.24
C PHE D 28 -9.16 -28.40 10.62
N ILE D 29 -8.46 -29.52 10.72
CA ILE D 29 -8.33 -30.16 12.03
C ILE D 29 -7.63 -29.22 12.99
N GLN D 30 -6.60 -28.53 12.52
CA GLN D 30 -5.94 -27.54 13.36
C GLN D 30 -6.91 -26.46 13.79
N SER D 31 -7.87 -26.10 12.93
CA SER D 31 -8.83 -25.07 13.31
C SER D 31 -9.74 -25.57 14.43
N LEU D 32 -10.14 -26.84 14.38
CA LEU D 32 -10.92 -27.43 15.45
C LEU D 32 -10.18 -27.34 16.78
N LYS D 33 -8.89 -27.68 16.77
CA LYS D 33 -8.06 -27.52 17.95
C LYS D 33 -7.99 -26.06 18.40
N ASP D 34 -7.79 -25.14 17.44
CA ASP D 34 -7.60 -23.72 17.75
C ASP D 34 -8.75 -23.13 18.55
N ASP D 35 -9.99 -23.36 18.09
CA ASP D 35 -11.15 -22.64 18.63
C ASP D 35 -12.35 -23.57 18.63
N PRO D 36 -12.57 -24.30 19.73
CA PRO D 36 -13.71 -25.24 19.74
C PRO D 36 -15.06 -24.57 19.62
N SER D 37 -15.19 -23.29 19.99
CA SER D 37 -16.43 -22.57 19.75
C SER D 37 -16.80 -22.52 18.27
N GLN D 38 -15.83 -22.73 17.37
CA GLN D 38 -16.07 -22.61 15.94
C GLN D 38 -16.31 -23.96 15.27
N SER D 39 -16.51 -25.01 16.07
CA SER D 39 -16.54 -26.38 15.55
C SER D 39 -17.57 -26.56 14.44
N THR D 40 -18.80 -26.08 14.67
CA THR D 40 -19.84 -26.24 13.66
C THR D 40 -19.52 -25.46 12.39
N ASN D 41 -19.03 -24.22 12.53
CA ASN D 41 -18.70 -23.42 11.35
C ASN D 41 -17.54 -24.03 10.57
N VAL D 42 -16.53 -24.52 11.27
CA VAL D 42 -15.38 -25.14 10.63
C VAL D 42 -15.79 -26.42 9.91
N LEU D 43 -16.63 -27.23 10.55
CA LEU D 43 -17.12 -28.44 9.88
C LEU D 43 -17.86 -28.09 8.61
N GLY D 44 -18.61 -26.99 8.62
CA GLY D 44 -19.41 -26.64 7.46
C GLY D 44 -18.58 -26.14 6.29
N GLU D 45 -17.51 -25.40 6.58
CA GLU D 45 -16.63 -24.95 5.50
C GLU D 45 -15.77 -26.09 4.98
N ALA D 46 -15.41 -27.02 5.86
CA ALA D 46 -14.72 -28.23 5.39
C ALA D 46 -15.62 -29.00 4.43
N LYS D 47 -16.88 -29.21 4.80
CA LYS D 47 -17.82 -29.90 3.91
C LYS D 47 -17.93 -29.20 2.57
N LYS D 48 -17.95 -27.86 2.56
CA LYS D 48 -18.12 -27.15 1.31
C LYS D 48 -16.92 -27.33 0.40
N LEU D 49 -15.72 -27.32 0.97
CA LEU D 49 -14.53 -27.51 0.16
C LEU D 49 -14.45 -28.94 -0.36
N ASN D 50 -14.87 -29.90 0.47
CA ASN D 50 -14.90 -31.29 0.06
C ASN D 50 -15.84 -31.52 -1.12
N GLU D 51 -17.06 -30.98 -1.04
CA GLU D 51 -18.02 -31.13 -2.13
C GLU D 51 -17.51 -30.49 -3.42
N SER D 52 -16.96 -29.27 -3.31
CA SER D 52 -16.47 -28.55 -4.47
C SER D 52 -15.31 -29.28 -5.16
N GLN D 53 -14.61 -30.14 -4.44
CA GLN D 53 -13.51 -30.90 -5.01
C GLN D 53 -13.90 -32.34 -5.38
N ALA D 54 -15.19 -32.69 -5.29
CA ALA D 54 -15.66 -34.04 -5.69
C ALA D 54 -15.27 -34.35 -7.13
C ACE E 1 -11.49 5.82 -3.07
O ACE E 1 -11.92 5.18 -4.04
CH3 ACE E 1 -12.35 6.31 -1.95
N CYS E 2 -10.20 6.12 -2.98
CA CYS E 2 -9.28 5.70 -4.01
C CYS E 2 -8.94 4.22 -3.83
N GLN E 3 -8.00 3.70 -4.63
CA GLN E 3 -7.71 2.27 -4.66
C GLN E 3 -6.46 1.97 -3.84
N PHE E 4 -6.61 1.14 -2.81
CA PHE E 4 -5.45 0.71 -2.04
C PHE E 4 -4.50 -0.12 -2.90
N ASP E 5 -3.21 0.19 -2.82
CA ASP E 5 -2.17 -0.52 -3.55
C ASP E 5 -1.32 -1.33 -2.59
N LEU E 6 -1.31 -2.66 -2.77
CA LEU E 6 -0.58 -3.54 -1.87
C LEU E 6 0.92 -3.24 -1.86
N SER E 7 1.49 -2.93 -3.03
CA SER E 7 2.93 -2.76 -3.11
C SER E 7 3.41 -1.59 -2.27
N THR E 8 2.69 -0.47 -2.30
CA THR E 8 3.09 0.74 -1.58
C THR E 8 2.36 0.93 -0.26
N ARG E 9 1.26 0.22 -0.05
CA ARG E 9 0.40 0.44 1.11
C ARG E 9 -0.14 1.87 1.12
N ARG E 10 -0.46 2.37 -0.06
CA ARG E 10 -0.97 3.73 -0.22
C ARG E 10 -2.17 3.71 -1.16
N LEU E 11 -3.13 4.59 -0.88
CA LEU E 11 -4.22 4.82 -1.81
C LEU E 11 -3.67 5.37 -3.12
N LYS E 12 -4.20 4.85 -4.24
CA LYS E 12 -3.93 5.37 -5.58
C LYS E 12 -5.19 6.05 -6.06
N CYS E 13 -5.12 7.37 -6.24
CA CYS E 13 -6.26 8.17 -6.70
C CYS E 13 -6.14 8.49 -8.18
N NH2 E 14 -6.83 9.55 -8.58
#